data_6X6E
#
_entry.id   6X6E
#
_cell.length_a   130.385
_cell.length_b   39.089
_cell.length_c   97.371
_cell.angle_alpha   90.000
_cell.angle_beta   118.618
_cell.angle_gamma   90.000
#
_symmetry.space_group_name_H-M   'C 1 2 1'
#
loop_
_entity.id
_entity.type
_entity.pdbx_description
1 polymer 'Glucocorticoid receptor'
2 polymer "DNA (5'-D(*CP*CP*AP*GP*AP*AP*CP*GP*GP*AP*GP*(5CM)P*GP*TP*TP*CP*TP*G)-3')"
3 polymer "DNA (5'-D(*TP*CP*AP*GP*AP*AP*CP*GP*CP*TP*CP*(5CM)P*GP*TP*TP*CP*TP*G)-3')"
4 non-polymer 'ZINC ION'
5 water water
#
loop_
_entity_poly.entity_id
_entity_poly.type
_entity_poly.pdbx_seq_one_letter_code
_entity_poly.pdbx_strand_id
1 'polypeptide(L)' PPKLCLVCSDEASGCHYGVLTCGSCKVFFKRAVEGQHNYLCAGRNDCIIDKIRRKNCPACRYRKCLQAGMNLEAR A,B
2 'polydeoxyribonucleotide' (DC)(DC)(DA)(DG)(DA)(DA)(DC)(DG)(DG)(DA)(DG)(5CM)(DG)(DT)(DT)(DC)(DT)(DG) C
3 'polydeoxyribonucleotide' (DT)(DC)(DA)(DG)(DA)(DA)(DC)(DG)(DC)(DT)(DC)(5CM)(DG)(DT)(DT)(DC)(DT)(DG) D
#
loop_
_chem_comp.id
_chem_comp.type
_chem_comp.name
_chem_comp.formula
5CM DNA linking 5-METHYL-2'-DEOXY-CYTIDINE-5'-MONOPHOSPHATE 'C10 H16 N3 O7 P'
DA DNA linking 2'-DEOXYADENOSINE-5'-MONOPHOSPHATE 'C10 H14 N5 O6 P'
DC DNA linking 2'-DEOXYCYTIDINE-5'-MONOPHOSPHATE 'C9 H14 N3 O7 P'
DG DNA linking 2'-DEOXYGUANOSINE-5'-MONOPHOSPHATE 'C10 H14 N5 O7 P'
DT DNA linking THYMIDINE-5'-MONOPHOSPHATE 'C10 H15 N2 O8 P'
ZN non-polymer 'ZINC ION' 'Zn 2'
#
# COMPACT_ATOMS: atom_id res chain seq x y z
N LYS A 3 -23.50 10.96 3.14
CA LYS A 3 -23.30 10.73 1.72
C LYS A 3 -21.87 10.20 1.43
N LEU A 4 -20.83 10.76 2.05
CA LEU A 4 -19.45 10.38 1.75
C LEU A 4 -18.77 9.73 2.95
N CYS A 5 -18.05 8.64 2.68
CA CYS A 5 -17.27 7.95 3.71
C CYS A 5 -16.27 8.89 4.35
N LEU A 6 -16.29 8.99 5.68
CA LEU A 6 -15.36 9.91 6.33
C LEU A 6 -13.93 9.38 6.36
N VAL A 7 -13.70 8.14 5.97
CA VAL A 7 -12.35 7.61 5.88
C VAL A 7 -11.77 7.84 4.50
N CYS A 8 -12.48 7.45 3.44
CA CYS A 8 -11.90 7.49 2.10
C CYS A 8 -12.69 8.35 1.12
N SER A 9 -13.82 8.95 1.52
CA SER A 9 -14.68 9.79 0.67
C SER A 9 -15.35 9.03 -0.47
N ASP A 10 -15.24 7.71 -0.55
CA ASP A 10 -16.16 6.93 -1.37
C ASP A 10 -17.58 7.18 -0.88
N GLU A 11 -18.56 6.78 -1.68
CA GLU A 11 -19.95 6.90 -1.27
C GLU A 11 -20.21 6.08 0.00
N ALA A 12 -20.79 6.73 1.00
CA ALA A 12 -21.07 6.06 2.27
C ALA A 12 -22.29 5.16 2.13
N SER A 13 -22.26 4.01 2.81
CA SER A 13 -23.37 3.08 2.78
C SER A 13 -24.16 3.06 4.08
N GLY A 14 -23.77 3.82 5.09
CA GLY A 14 -24.47 3.85 6.34
C GLY A 14 -23.53 4.28 7.45
N CYS A 15 -24.04 4.17 8.67
CA CYS A 15 -23.28 4.53 9.86
C CYS A 15 -22.73 3.22 10.44
N HIS A 16 -21.42 3.03 10.33
CA HIS A 16 -20.79 1.76 10.67
C HIS A 16 -19.77 1.98 11.78
N TYR A 17 -19.87 1.18 12.85
CA TYR A 17 -18.98 1.28 13.99
C TYR A 17 -18.90 2.73 14.47
N GLY A 18 -20.05 3.42 14.39
CA GLY A 18 -20.22 4.76 14.89
C GLY A 18 -19.99 5.88 13.91
N VAL A 19 -19.59 5.58 12.67
CA VAL A 19 -19.12 6.60 11.73
C VAL A 19 -19.73 6.37 10.36
N LEU A 20 -19.99 7.47 9.64
CA LEU A 20 -20.45 7.39 8.25
C LEU A 20 -19.33 6.83 7.36
N THR A 21 -19.52 5.62 6.83
CA THR A 21 -18.46 4.98 6.04
C THR A 21 -19.07 4.15 4.92
N CYS A 22 -18.22 3.84 3.94
CA CYS A 22 -18.56 2.88 2.90
C CYS A 22 -18.38 1.45 3.42
N GLY A 23 -18.87 0.50 2.62
CA GLY A 23 -18.77 -0.91 2.99
C GLY A 23 -17.33 -1.41 3.08
N SER A 24 -16.45 -0.95 2.19
CA SER A 24 -15.08 -1.47 2.22
C SER A 24 -14.34 -1.02 3.48
N CYS A 25 -14.52 0.24 3.87
CA CYS A 25 -13.90 0.70 5.11
C CYS A 25 -14.52 0.03 6.34
N LYS A 26 -15.80 -0.32 6.26
CA LYS A 26 -16.45 -1.06 7.34
C LYS A 26 -15.75 -2.39 7.61
N VAL A 27 -15.60 -3.23 6.59
CA VAL A 27 -14.98 -4.53 6.82
C VAL A 27 -13.47 -4.39 7.04
N PHE A 28 -12.83 -3.36 6.46
CA PHE A 28 -11.41 -3.16 6.74
C PHE A 28 -11.20 -2.88 8.23
N PHE A 29 -12.00 -1.97 8.80
CA PHE A 29 -11.81 -1.62 10.21
C PHE A 29 -12.03 -2.83 11.10
N LYS A 30 -13.11 -3.59 10.86
CA LYS A 30 -13.36 -4.79 11.64
C LYS A 30 -12.20 -5.76 11.53
N ARG A 31 -11.73 -6.02 10.31
CA ARG A 31 -10.58 -6.89 10.13
C ARG A 31 -9.34 -6.34 10.83
N ALA A 32 -9.18 -5.03 10.88
CA ALA A 32 -7.97 -4.47 11.49
C ALA A 32 -7.98 -4.63 13.00
N VAL A 33 -9.12 -4.36 13.64
CA VAL A 33 -9.16 -4.34 15.11
C VAL A 33 -9.15 -5.75 15.69
N GLU A 34 -9.68 -6.73 14.98
CA GLU A 34 -9.81 -8.05 15.58
C GLU A 34 -8.64 -8.95 15.24
N GLY A 35 -7.73 -8.51 14.39
CA GLY A 35 -6.48 -9.20 14.20
C GLY A 35 -5.32 -8.26 14.51
N GLN A 36 -4.12 -8.66 14.07
CA GLN A 36 -2.96 -7.79 14.17
C GLN A 36 -3.14 -6.59 13.26
N HIS A 37 -2.74 -5.42 13.74
CA HIS A 37 -2.74 -4.23 12.90
C HIS A 37 -1.37 -3.56 12.93
N ASN A 38 -0.30 -4.36 12.87
CA ASN A 38 1.06 -3.84 12.83
C ASN A 38 1.41 -3.47 11.39
N TYR A 39 0.71 -2.46 10.90
CA TYR A 39 0.92 -1.94 9.56
C TYR A 39 2.04 -0.91 9.58
N LEU A 40 2.79 -0.85 8.49
CA LEU A 40 3.89 0.12 8.36
C LEU A 40 3.61 1.06 7.20
N CYS A 41 3.71 2.36 7.44
CA CYS A 41 3.60 3.32 6.36
C CYS A 41 4.96 3.46 5.66
N ALA A 42 4.94 3.47 4.33
CA ALA A 42 6.16 3.67 3.57
C ALA A 42 6.37 5.13 3.22
N GLY A 43 5.46 6.01 3.64
CA GLY A 43 5.61 7.43 3.38
C GLY A 43 5.92 8.19 4.66
N ARG A 44 5.12 9.19 4.98
CA ARG A 44 5.30 10.03 6.17
C ARG A 44 4.04 10.05 7.01
N ASN A 45 3.32 8.94 7.03
CA ASN A 45 2.13 8.75 7.87
C ASN A 45 1.05 9.78 7.54
N ASP A 46 1.00 10.23 6.29
CA ASP A 46 -0.04 11.17 5.84
C ASP A 46 -0.46 10.85 4.41
N CYS A 47 -0.51 9.56 4.10
CA CYS A 47 -0.88 9.10 2.77
C CYS A 47 -2.29 9.53 2.41
N ILE A 48 -2.52 9.81 1.13
CA ILE A 48 -3.86 10.13 0.64
C ILE A 48 -4.68 8.83 0.65
N ILE A 49 -5.77 8.82 1.40
CA ILE A 49 -6.67 7.66 1.44
C ILE A 49 -7.92 8.05 0.66
N ASP A 50 -8.08 7.54 -0.56
CA ASP A 50 -9.32 7.68 -1.33
C ASP A 50 -9.59 6.36 -2.02
N LYS A 51 -10.60 6.31 -2.89
CA LYS A 51 -11.01 5.03 -3.46
C LYS A 51 -9.86 4.38 -4.23
N ILE A 52 -9.07 5.19 -4.92
CA ILE A 52 -8.02 4.66 -5.77
C ILE A 52 -6.81 4.22 -4.95
N ARG A 53 -6.53 4.89 -3.84
CA ARG A 53 -5.29 4.68 -3.10
C ARG A 53 -5.48 4.06 -1.72
N ARG A 54 -6.72 3.80 -1.29
CA ARG A 54 -6.93 3.30 0.06
C ARG A 54 -6.26 1.94 0.29
N LYS A 55 -6.09 1.13 -0.77
CA LYS A 55 -5.34 -0.12 -0.64
C LYS A 55 -3.83 0.07 -0.41
N ASN A 56 -3.27 1.22 -0.77
CA ASN A 56 -1.80 1.37 -0.70
C ASN A 56 -1.29 1.31 0.73
N CYS A 57 -1.96 1.98 1.67
CA CYS A 57 -1.42 2.17 3.01
C CYS A 57 -2.46 1.81 4.06
N PRO A 58 -2.50 0.54 4.46
CA PRO A 58 -3.37 0.17 5.59
C PRO A 58 -3.05 0.93 6.87
N ALA A 59 -1.79 1.29 7.11
CA ALA A 59 -1.45 2.03 8.33
C ALA A 59 -2.19 3.36 8.37
N CYS A 60 -2.13 4.11 7.26
CA CYS A 60 -2.80 5.41 7.22
C CYS A 60 -4.31 5.26 7.15
N ARG A 61 -4.81 4.22 6.47
CA ARG A 61 -6.25 3.99 6.45
C ARG A 61 -6.78 3.68 7.84
N TYR A 62 -6.08 2.83 8.59
CA TYR A 62 -6.50 2.51 9.95
C TYR A 62 -6.43 3.72 10.86
N ARG A 63 -5.39 4.55 10.71
CA ARG A 63 -5.32 5.79 11.48
C ARG A 63 -6.51 6.70 11.18
N LYS A 64 -6.89 6.85 9.91
CA LYS A 64 -8.06 7.66 9.60
C LYS A 64 -9.35 7.06 10.17
N CYS A 65 -9.46 5.73 10.25
CA CYS A 65 -10.61 5.12 10.91
C CYS A 65 -10.68 5.53 12.37
N LEU A 66 -9.54 5.49 13.08
CA LEU A 66 -9.51 5.85 14.49
C LEU A 66 -9.80 7.33 14.68
N GLN A 67 -9.19 8.19 13.85
CA GLN A 67 -9.40 9.63 13.98
C GLN A 67 -10.85 10.01 13.77
N ALA A 68 -11.50 9.36 12.80
CA ALA A 68 -12.92 9.60 12.55
C ALA A 68 -13.81 9.06 13.66
N GLY A 69 -13.27 8.19 14.51
CA GLY A 69 -13.96 7.73 15.70
C GLY A 69 -14.54 6.34 15.64
N MET A 70 -14.15 5.51 14.67
CA MET A 70 -14.71 4.17 14.58
C MET A 70 -14.38 3.36 15.83
N ASN A 71 -15.36 2.60 16.31
CA ASN A 71 -15.10 1.69 17.42
C ASN A 71 -16.10 0.55 17.35
N LEU A 72 -15.65 -0.65 17.72
CA LEU A 72 -16.49 -1.84 17.63
C LEU A 72 -17.74 -1.71 18.49
N GLU A 73 -17.62 -1.08 19.65
CA GLU A 73 -18.73 -1.08 20.60
C GLU A 73 -19.53 0.21 20.54
N ALA A 74 -19.92 0.59 19.33
CA ALA A 74 -20.82 1.73 19.11
C ALA A 74 -22.28 1.29 19.28
N ARG A 75 -22.60 0.91 20.52
CA ARG A 75 -23.91 0.37 20.91
C ARG A 75 -24.20 -0.96 20.21
N LYS B 3 24.89 -9.00 -2.29
CA LYS B 3 24.27 -9.43 -1.04
C LYS B 3 22.80 -9.03 -0.95
N LEU B 4 22.50 -7.77 -1.26
CA LEU B 4 21.18 -7.22 -1.05
C LEU B 4 20.55 -6.76 -2.36
N CYS B 5 19.26 -7.04 -2.51
CA CYS B 5 18.47 -6.50 -3.60
C CYS B 5 18.65 -4.99 -3.70
N LEU B 6 18.91 -4.50 -4.92
CA LEU B 6 19.10 -3.07 -5.12
C LEU B 6 17.79 -2.29 -5.11
N VAL B 7 16.65 -2.97 -5.09
CA VAL B 7 15.36 -2.32 -5.03
C VAL B 7 14.83 -2.28 -3.61
N CYS B 8 14.74 -3.43 -2.93
CA CYS B 8 14.09 -3.48 -1.65
C CYS B 8 14.99 -3.89 -0.48
N SER B 9 16.27 -4.13 -0.71
CA SER B 9 17.25 -4.41 0.32
C SER B 9 17.05 -5.77 1.00
N ASP B 10 16.11 -6.57 0.52
CA ASP B 10 16.05 -7.97 0.92
C ASP B 10 17.27 -8.72 0.37
N GLU B 11 17.53 -9.90 0.93
CA GLU B 11 18.66 -10.70 0.45
C GLU B 11 18.47 -11.05 -1.01
N ALA B 12 19.44 -10.68 -1.84
CA ALA B 12 19.35 -10.92 -3.27
C ALA B 12 19.61 -12.40 -3.59
N SER B 13 18.96 -12.87 -4.66
CA SER B 13 19.15 -14.23 -5.13
C SER B 13 20.06 -14.33 -6.35
N GLY B 14 20.32 -13.22 -7.03
CA GLY B 14 21.15 -13.23 -8.20
C GLY B 14 20.89 -11.98 -9.00
N CYS B 15 21.40 -11.97 -10.24
CA CYS B 15 21.16 -10.87 -11.17
C CYS B 15 19.99 -11.22 -12.06
N HIS B 16 18.92 -10.43 -11.96
CA HIS B 16 17.68 -10.66 -12.68
C HIS B 16 17.39 -9.42 -13.52
N TYR B 17 17.22 -9.62 -14.83
CA TYR B 17 16.94 -8.53 -15.76
C TYR B 17 18.00 -7.44 -15.68
N GLY B 18 19.27 -7.86 -15.52
CA GLY B 18 20.40 -6.97 -15.53
C GLY B 18 20.72 -6.28 -14.23
N VAL B 19 20.02 -6.61 -13.13
CA VAL B 19 20.23 -5.94 -11.85
C VAL B 19 20.21 -6.98 -10.74
N LEU B 20 21.04 -6.76 -9.71
CA LEU B 20 21.05 -7.60 -8.53
C LEU B 20 19.77 -7.39 -7.73
N THR B 21 18.87 -8.37 -7.72
CA THR B 21 17.58 -8.23 -7.05
C THR B 21 17.24 -9.51 -6.31
N CYS B 22 16.17 -9.43 -5.50
CA CYS B 22 15.61 -10.61 -4.87
C CYS B 22 14.63 -11.29 -5.82
N GLY B 23 14.17 -12.48 -5.44
CA GLY B 23 13.19 -13.18 -6.26
C GLY B 23 11.86 -12.45 -6.35
N SER B 24 11.43 -11.81 -5.27
CA SER B 24 10.14 -11.13 -5.32
C SER B 24 10.19 -9.93 -6.25
N CYS B 25 11.31 -9.20 -6.26
CA CYS B 25 11.44 -8.06 -7.17
C CYS B 25 11.61 -8.51 -8.60
N LYS B 26 12.23 -9.68 -8.80
CA LYS B 26 12.33 -10.28 -10.13
C LYS B 26 10.96 -10.38 -10.80
N VAL B 27 10.03 -11.12 -10.17
CA VAL B 27 8.77 -11.38 -10.84
C VAL B 27 7.81 -10.19 -10.72
N PHE B 28 7.98 -9.33 -9.72
CA PHE B 28 7.22 -8.09 -9.70
C PHE B 28 7.50 -7.26 -10.95
N PHE B 29 8.78 -7.09 -11.27
CA PHE B 29 9.16 -6.26 -12.41
C PHE B 29 8.61 -6.83 -13.70
N LYS B 30 8.73 -8.15 -13.89
CA LYS B 30 8.15 -8.80 -15.05
C LYS B 30 6.67 -8.50 -15.16
N ARG B 31 5.93 -8.66 -14.07
CA ARG B 31 4.50 -8.43 -14.10
C ARG B 31 4.18 -6.96 -14.37
N ALA B 32 4.96 -6.05 -13.81
CA ALA B 32 4.67 -4.63 -13.98
C ALA B 32 4.83 -4.20 -15.43
N VAL B 33 5.88 -4.68 -16.12
CA VAL B 33 6.13 -4.23 -17.48
C VAL B 33 5.04 -4.71 -18.42
N GLU B 34 4.43 -5.86 -18.16
CA GLU B 34 3.38 -6.40 -19.02
C GLU B 34 2.02 -5.91 -18.54
N GLY B 35 1.22 -5.41 -19.48
CA GLY B 35 -0.13 -4.94 -19.18
C GLY B 35 -0.20 -3.99 -18.01
N GLN B 36 0.34 -2.78 -18.17
CA GLN B 36 0.50 -1.78 -17.12
C GLN B 36 -0.70 -1.71 -16.18
N HIS B 37 -0.45 -1.44 -14.90
CA HIS B 37 -1.35 -1.84 -13.83
C HIS B 37 -2.01 -0.68 -13.09
N ASN B 38 -1.99 0.55 -13.63
CA ASN B 38 -2.69 1.68 -12.99
C ASN B 38 -2.11 1.97 -11.61
N TYR B 39 -0.79 2.16 -11.55
CA TYR B 39 -0.07 2.37 -10.28
C TYR B 39 -0.08 3.85 -9.93
N LEU B 40 -0.53 4.17 -8.71
CA LEU B 40 -0.49 5.55 -8.22
C LEU B 40 0.02 5.57 -6.79
N CYS B 41 1.05 6.39 -6.53
CA CYS B 41 1.56 6.58 -5.19
C CYS B 41 0.58 7.41 -4.35
N ALA B 42 0.43 7.05 -3.08
CA ALA B 42 -0.43 7.80 -2.15
C ALA B 42 0.35 8.82 -1.35
N GLY B 43 1.66 8.92 -1.58
CA GLY B 43 2.48 9.86 -0.84
C GLY B 43 3.06 10.93 -1.73
N ARG B 44 4.36 10.86 -1.99
CA ARG B 44 5.03 11.94 -2.69
C ARG B 44 5.93 11.42 -3.80
N ASN B 45 5.68 10.20 -4.28
CA ASN B 45 6.54 9.55 -5.27
C ASN B 45 7.95 9.30 -4.72
N ASP B 46 8.08 9.10 -3.42
CA ASP B 46 9.37 8.87 -2.76
C ASP B 46 9.21 7.88 -1.59
N CYS B 47 8.41 6.83 -1.77
CA CYS B 47 8.16 5.92 -0.67
C CYS B 47 9.40 5.11 -0.31
N ILE B 48 9.49 4.69 0.95
CA ILE B 48 10.51 3.75 1.40
C ILE B 48 10.15 2.37 0.89
N ILE B 49 11.05 1.74 0.14
CA ILE B 49 10.84 0.39 -0.36
C ILE B 49 11.77 -0.54 0.40
N ASP B 50 11.23 -1.42 1.24
CA ASP B 50 12.00 -2.43 1.96
C ASP B 50 11.21 -3.73 1.95
N LYS B 51 11.72 -4.73 2.68
CA LYS B 51 11.15 -6.07 2.61
C LYS B 51 9.66 -6.09 2.94
N ILE B 52 9.24 -5.29 3.93
CA ILE B 52 7.82 -5.20 4.28
C ILE B 52 7.10 -4.15 3.43
N ARG B 53 7.65 -2.94 3.39
CA ARG B 53 6.94 -1.80 2.81
C ARG B 53 6.80 -1.88 1.31
N ARG B 54 7.52 -2.80 0.63
CA ARG B 54 7.50 -2.83 -0.83
C ARG B 54 6.11 -3.12 -1.39
N LYS B 55 5.30 -3.92 -0.68
CA LYS B 55 3.92 -4.16 -1.10
C LYS B 55 3.07 -2.91 -1.06
N ASN B 56 3.47 -1.87 -0.31
CA ASN B 56 2.62 -0.70 -0.15
C ASN B 56 2.50 0.10 -1.44
N CYS B 57 3.61 0.34 -2.14
CA CYS B 57 3.62 1.27 -3.24
C CYS B 57 4.27 0.65 -4.46
N PRO B 58 3.50 -0.11 -5.24
CA PRO B 58 4.04 -0.64 -6.50
C PRO B 58 4.53 0.45 -7.43
N ALA B 59 3.94 1.64 -7.37
CA ALA B 59 4.43 2.73 -8.20
C ALA B 59 5.89 3.06 -7.86
N CYS B 60 6.17 3.29 -6.59
CA CYS B 60 7.54 3.60 -6.19
C CYS B 60 8.44 2.39 -6.38
N ARG B 61 7.92 1.19 -6.13
CA ARG B 61 8.71 -0.01 -6.38
C ARG B 61 9.08 -0.12 -7.86
N TYR B 62 8.10 0.08 -8.75
CA TYR B 62 8.36 0.01 -10.18
C TYR B 62 9.38 1.08 -10.60
N ARG B 63 9.18 2.32 -10.13
CA ARG B 63 10.14 3.38 -10.44
C ARG B 63 11.55 2.99 -10.00
N LYS B 64 11.70 2.47 -8.78
CA LYS B 64 13.02 2.04 -8.32
C LYS B 64 13.61 0.95 -9.20
N CYS B 65 12.79 -0.03 -9.60
CA CYS B 65 13.24 -1.05 -10.55
C CYS B 65 13.86 -0.41 -11.78
N LEU B 66 13.15 0.56 -12.39
CA LEU B 66 13.66 1.18 -13.60
C LEU B 66 14.89 2.02 -13.33
N GLN B 67 14.88 2.79 -12.24
CA GLN B 67 16.04 3.61 -11.91
C GLN B 67 17.28 2.76 -11.69
N ALA B 68 17.12 1.53 -11.19
CA ALA B 68 18.24 0.63 -11.04
C ALA B 68 18.69 0.02 -12.36
N GLY B 69 17.92 0.23 -13.42
CA GLY B 69 18.28 -0.29 -14.72
C GLY B 69 17.76 -1.67 -15.04
N MET B 70 16.62 -2.07 -14.49
CA MET B 70 16.06 -3.35 -14.89
C MET B 70 15.50 -3.26 -16.30
N ASN B 71 15.78 -4.28 -17.12
CA ASN B 71 15.29 -4.38 -18.48
C ASN B 71 15.13 -5.86 -18.82
N LEU B 72 14.11 -6.15 -19.62
CA LEU B 72 13.81 -7.55 -19.94
C LEU B 72 14.79 -8.16 -20.94
N GLU B 73 15.41 -7.34 -21.78
CA GLU B 73 16.37 -7.82 -22.78
C GLU B 73 15.77 -8.91 -23.66
N1 5CM C 12 1.78 -11.98 -5.08
C2 5CM C 12 1.41 -13.39 -4.77
N3 5CM C 12 0.75 -14.22 -5.82
C4 5CM C 12 0.47 -13.66 -7.12
C5 5CM C 12 0.83 -12.26 -7.43
C5A 5CM C 12 0.54 -11.69 -8.81
C6 5CM C 12 1.50 -11.42 -6.39
O2 5CM C 12 1.64 -13.82 -3.70
N4 5CM C 12 -0.18 -14.47 -8.14
C1' 5CM C 12 2.40 -11.16 -4.05
C2' 5CM C 12 3.79 -10.52 -4.47
C3' 5CM C 12 3.76 -9.17 -3.76
C4' 5CM C 12 2.49 -8.91 -3.41
O4' 5CM C 12 1.59 -10.17 -3.85
O3' 5CM C 12 4.48 -9.25 -2.47
C5' 5CM C 12 1.96 -7.65 -4.02
O5' 5CM C 12 2.41 -7.46 -5.32
P 5CM C 12 1.71 -6.17 -6.08
OP1 5CM C 12 2.09 -4.88 -5.40
OP2 5CM C 12 1.98 -6.13 -7.57
N1 5CM D 12 -10.11 -7.88 0.04
C2 5CM D 12 -10.81 -8.89 -0.79
N3 5CM D 12 -11.08 -10.22 -0.19
C4 5CM D 12 -10.67 -10.51 1.16
C5 5CM D 12 -9.96 -9.50 1.98
C5A 5CM D 12 -9.54 -9.80 3.40
C6 5CM D 12 -9.69 -8.18 1.39
O2 5CM D 12 -11.13 -8.62 -1.90
N4 5CM D 12 -10.94 -11.81 1.75
C1' 5CM D 12 -9.78 -6.58 -0.52
C2' 5CM D 12 -10.49 -5.37 0.21
C3' 5CM D 12 -9.44 -4.28 0.24
C4' 5CM D 12 -8.27 -4.85 -0.16
O4' 5CM D 12 -8.50 -6.43 -0.34
O3' 5CM D 12 -9.70 -3.29 -0.83
C5' 5CM D 12 -7.10 -4.56 0.74
O5' 5CM D 12 -7.32 -4.86 2.10
P 5CM D 12 -5.97 -4.70 3.05
OP1 5CM D 12 -5.26 -3.38 2.80
OP2 5CM D 12 -6.23 -4.94 4.52
ZN ZN E . -14.35 4.33 2.83
ZN ZN F . 0.87 5.87 4.89
ZN ZN G . 13.77 -6.86 -3.76
ZN ZN H . 4.99 5.76 -3.35
#